data_1GJ8
#
_entry.id   1GJ8
#
_cell.length_a   81.77
_cell.length_b   50.02
_cell.length_c   66.94
_cell.angle_alpha   90.0
_cell.angle_beta   113.76
_cell.angle_gamma   90.0
#
_symmetry.space_group_name_H-M   'C 1 2 1'
#
loop_
_entity.id
_entity.type
_entity.pdbx_description
1 polymer 'UROKINASE-TYPE PLASMINOGEN ACTIVATOR'
2 polymer 'UROKINASE-TYPE PLASMINOGEN ACTIVATOR'
3 non-polymer 'CITRIC ACID'
4 non-polymer 6-FLUORO-2-(2-HYDROXY-3-ISOBUTOXY-PHENYL)-1H-BENZOIMIDAZOLE-5-CARBOXAMIDINE
5 water water
#
loop_
_entity_poly.entity_id
_entity_poly.type
_entity_poly.pdbx_seq_one_letter_code
_entity_poly.pdbx_strand_id
1 'polypeptide(L)' KPSSPPEELKFQCGQKTLRPRFK A
2 'polypeptide(L)'
;IIGGEFTTIENQPWFAAIYRRHRGGSVTYVCGGSLMSPCWVISATHCFIDYPKKEDYIVYLGRSRLNSNTQGEMKFEVEN
LILHKDYSADTLAHHNDIALLKIRSKEGRCAQPSRTIQTICLPSMYNDPQFGTSCEITGFGKEASTDYLYPEQLKMTVVK
LISHRECQQPHYYGSEVTTKMLCAADPQWKTDSCQGDSGGPLVCSLQGRMTLTGIVSWGRGCALKDKPGVYTRVSHFLPW
IRSHTKEENGLAL
;
B
#
loop_
_chem_comp.id
_chem_comp.type
_chem_comp.name
_chem_comp.formula
133 non-polymer 6-FLUORO-2-(2-HYDROXY-3-ISOBUTOXY-PHENYL)-1H-BENZOIMIDAZOLE-5-CARBOXAMIDINE 'C18 H19 F N4 O2'
CIT non-polymer 'CITRIC ACID' 'C6 H8 O7'
#
# COMPACT_ATOMS: atom_id res chain seq x y z
N PRO A 5 -3.03 -20.13 -24.23
CA PRO A 5 -3.24 -20.50 -22.79
C PRO A 5 -3.76 -19.20 -22.15
N PRO A 6 -4.30 -19.24 -20.96
CA PRO A 6 -5.06 -18.08 -20.43
C PRO A 6 -4.17 -16.96 -19.81
N GLU A 7 -4.51 -15.74 -20.21
CA GLU A 7 -3.83 -14.47 -19.77
C GLU A 7 -3.22 -14.45 -18.38
N GLU A 8 -3.98 -14.85 -17.40
CA GLU A 8 -3.53 -14.88 -15.97
C GLU A 8 -2.09 -15.47 -15.82
N LEU A 9 -1.88 -16.48 -16.47
CA LEU A 9 -0.50 -17.18 -16.52
C LEU A 9 0.61 -16.16 -17.00
N LYS A 10 0.22 -14.91 -17.24
CA LYS A 10 1.31 -14.22 -17.87
C LYS A 10 1.98 -13.21 -16.79
N PHE A 11 1.27 -13.17 -15.64
CA PHE A 11 1.69 -12.39 -14.40
C PHE A 11 2.88 -13.21 -13.79
N GLN A 12 3.84 -12.44 -13.37
CA GLN A 12 5.10 -12.91 -12.76
C GLN A 12 5.25 -11.90 -11.68
N CYS A 13 4.83 -12.27 -10.51
CA CYS A 13 4.94 -11.31 -9.39
C CYS A 13 6.29 -10.66 -9.27
N GLY A 14 6.26 -9.42 -8.91
CA GLY A 14 7.51 -8.67 -8.74
C GLY A 14 8.24 -8.33 -10.01
N GLN A 15 7.85 -8.83 -11.15
CA GLN A 15 8.61 -8.48 -12.39
C GLN A 15 8.12 -7.18 -13.04
N LYS A 16 9.01 -6.24 -13.17
CA LYS A 16 8.65 -4.92 -13.79
C LYS A 16 9.02 -5.15 -15.25
N THR A 17 10.23 -5.57 -15.46
CA THR A 17 10.71 -5.85 -16.82
C THR A 17 11.38 -7.22 -16.68
N ILE B 1 4.03 11.39 -0.26
CA ILE B 1 5.43 11.00 0.00
C ILE B 1 6.17 12.34 0.07
N ILE B 2 7.04 12.46 1.03
CA ILE B 2 7.84 13.70 1.22
C ILE B 2 9.10 13.26 0.52
N GLY B 3 9.59 14.11 -0.33
CA GLY B 3 10.82 13.76 -1.06
C GLY B 3 10.44 12.71 -2.06
N GLY B 4 11.44 12.01 -2.49
CA GLY B 4 11.18 10.95 -3.48
C GLY B 4 11.31 11.60 -4.84
N GLU B 5 10.89 10.86 -5.82
CA GLU B 5 10.93 11.32 -7.23
C GLU B 5 9.52 11.06 -7.76
N PHE B 6 9.21 11.67 -8.86
CA PHE B 6 7.87 11.45 -9.47
C PHE B 6 8.19 10.21 -10.30
N THR B 7 7.25 9.34 -10.51
CA THR B 7 7.48 8.11 -11.30
C THR B 7 6.26 7.81 -12.16
N THR B 8 6.25 6.65 -12.74
CA THR B 8 5.12 6.26 -13.58
C THR B 8 4.78 4.87 -13.10
N ILE B 9 3.61 4.44 -13.47
CA ILE B 9 3.14 3.11 -13.05
C ILE B 9 3.99 1.93 -13.58
N GLU B 10 4.69 2.14 -14.67
CA GLU B 10 5.55 1.05 -15.25
C GLU B 10 6.59 0.68 -14.20
N ASN B 11 6.87 1.61 -13.31
CA ASN B 11 7.89 1.35 -12.26
C ASN B 11 7.28 0.73 -11.01
N GLN B 12 5.98 0.66 -10.94
CA GLN B 12 5.27 0.07 -9.75
C GLN B 12 3.98 -0.55 -10.26
N PRO B 13 4.08 -1.49 -11.17
CA PRO B 13 2.89 -1.98 -11.90
C PRO B 13 1.84 -2.70 -11.03
N TRP B 14 2.21 -2.98 -9.80
CA TRP B 14 1.29 -3.67 -8.82
C TRP B 14 0.52 -2.61 -7.99
N PHE B 15 0.85 -1.36 -8.15
CA PHE B 15 0.15 -0.29 -7.35
C PHE B 15 -1.33 -0.08 -7.82
N ALA B 16 -2.23 -0.06 -6.86
CA ALA B 16 -3.69 0.13 -7.15
C ALA B 16 -4.09 1.43 -6.46
N ALA B 17 -4.94 2.18 -7.14
CA ALA B 17 -5.47 3.50 -6.67
C ALA B 17 -6.96 3.24 -6.37
N ILE B 18 -7.34 3.53 -5.14
CA ILE B 18 -8.73 3.31 -4.71
C ILE B 18 -9.41 4.68 -4.49
N TYR B 19 -10.56 4.81 -5.09
CA TYR B 19 -11.36 6.06 -5.01
C TYR B 19 -12.75 5.79 -4.43
N ARG B 20 -13.41 6.85 -4.03
CA ARG B 20 -14.78 6.73 -3.46
C ARG B 20 -15.68 7.67 -4.29
N ARG B 21 -16.88 7.22 -4.55
CA ARG B 21 -17.82 8.06 -5.34
C ARG B 21 -18.78 8.73 -4.37
N HIS B 22 -19.24 9.87 -4.75
CA HIS B 22 -20.20 10.64 -3.95
C HIS B 22 -21.07 10.89 -5.19
N ARG B 23 -22.28 10.38 -5.33
CA ARG B 23 -23.08 10.71 -6.57
C ARG B 23 -23.19 12.22 -6.73
N GLY B 24 -22.85 13.03 -5.76
CA GLY B 24 -22.85 14.51 -6.04
C GLY B 24 -22.08 14.71 -7.49
N GLY B 25 -21.69 13.60 -8.08
CA GLY B 25 -20.71 13.82 -9.43
C GLY B 25 -19.04 13.52 -9.12
N SER B 26 -18.55 13.88 -7.95
CA SER B 26 -17.09 13.66 -7.66
C SER B 26 -16.76 12.28 -7.14
N VAL B 27 -15.53 11.91 -7.28
CA VAL B 27 -14.90 10.55 -7.01
C VAL B 27 -13.71 11.12 -6.25
N THR B 28 -13.36 10.73 -5.07
CA THR B 28 -12.14 11.28 -4.42
C THR B 28 -11.23 10.12 -4.13
N TYR B 29 -9.98 10.40 -4.01
CA TYR B 29 -9.01 9.30 -3.72
C TYR B 29 -9.13 8.96 -2.27
N VAL B 30 -8.96 7.70 -2.01
CA VAL B 30 -9.06 7.17 -0.63
C VAL B 30 -7.66 6.70 -0.18
N CYS B 31 -7.20 5.64 -0.76
CA CYS B 31 -5.87 5.04 -0.42
C CYS B 31 -5.28 4.28 -1.62
N GLY B 32 -4.09 3.81 -1.38
CA GLY B 32 -3.34 3.03 -2.36
C GLY B 32 -3.60 1.56 -1.95
N GLY B 33 -3.08 0.65 -2.73
CA GLY B 33 -3.22 -0.80 -2.49
C GLY B 33 -2.21 -1.46 -3.39
N SER B 34 -2.20 -2.76 -3.39
CA SER B 34 -1.26 -3.54 -4.24
C SER B 34 -1.99 -4.78 -4.78
N LEU B 35 -1.73 -5.17 -5.99
CA LEU B 35 -2.37 -6.35 -6.61
C LEU B 35 -1.52 -7.59 -6.21
N MET B 36 -2.18 -8.53 -5.58
CA MET B 36 -1.58 -9.83 -5.09
C MET B 36 -1.77 -10.96 -6.07
N SER B 37 -2.92 -10.98 -6.67
CA SER B 37 -3.28 -12.01 -7.66
C SER B 37 -4.25 -11.26 -8.58
N PRO B 38 -4.64 -11.86 -9.67
CA PRO B 38 -5.53 -11.19 -10.65
C PRO B 38 -6.80 -10.55 -10.05
N CYS B 39 -7.40 -11.25 -9.12
CA CYS B 39 -8.64 -10.72 -8.49
C CYS B 39 -8.50 -10.15 -7.13
N TRP B 40 -7.33 -10.09 -6.56
CA TRP B 40 -7.25 -9.50 -5.20
C TRP B 40 -6.24 -8.38 -5.01
N VAL B 41 -6.69 -7.37 -4.32
CA VAL B 41 -5.86 -6.18 -4.00
C VAL B 41 -5.82 -6.14 -2.45
N ILE B 42 -4.69 -5.76 -1.91
CA ILE B 42 -4.55 -5.68 -0.45
C ILE B 42 -4.27 -4.21 -0.16
N SER B 43 -4.84 -3.76 0.91
CA SER B 43 -4.72 -2.35 1.38
C SER B 43 -4.83 -2.37 2.91
N ALA B 44 -5.24 -1.26 3.47
CA ALA B 44 -5.40 -1.08 4.93
C ALA B 44 -6.87 -0.94 5.41
N THR B 45 -7.25 -1.72 6.39
CA THR B 45 -8.64 -1.64 6.92
C THR B 45 -9.06 -0.22 7.33
N HIS B 46 -8.14 0.52 7.88
CA HIS B 46 -8.53 1.88 8.29
C HIS B 46 -8.94 2.76 7.10
N CYS B 47 -8.69 2.34 5.89
CA CYS B 47 -9.08 3.16 4.69
C CYS B 47 -10.59 3.03 4.41
N PHE B 48 -11.12 1.95 4.88
CA PHE B 48 -12.57 1.64 4.67
C PHE B 48 -13.45 1.70 5.91
N ILE B 49 -12.89 1.33 7.03
CA ILE B 49 -13.58 1.33 8.34
C ILE B 49 -14.77 2.27 8.53
N ASP B 50 -14.58 3.49 8.10
CA ASP B 50 -15.66 4.53 8.25
C ASP B 50 -16.78 4.44 7.22
N TYR B 51 -16.49 4.02 6.04
CA TYR B 51 -17.55 3.93 5.01
C TYR B 51 -17.46 2.56 4.36
N PRO B 52 -17.78 1.52 5.07
CA PRO B 52 -17.69 0.15 4.52
C PRO B 52 -18.74 -0.19 3.43
N LYS B 53 -19.08 0.74 2.59
CA LYS B 53 -20.08 0.51 1.50
C LYS B 53 -19.22 0.15 0.27
N LYS B 54 -19.03 -1.12 0.02
CA LYS B 54 -18.20 -1.54 -1.15
C LYS B 54 -18.67 -1.00 -2.48
N GLU B 55 -19.95 -0.82 -2.60
CA GLU B 55 -20.49 -0.28 -3.89
C GLU B 55 -20.03 1.15 -4.21
N ASP B 56 -19.49 1.86 -3.27
CA ASP B 56 -19.07 3.24 -3.63
C ASP B 56 -17.59 3.35 -3.87
N TYR B 57 -16.91 2.24 -4.00
CA TYR B 57 -15.44 2.34 -4.23
C TYR B 57 -15.13 1.88 -5.64
N ILE B 58 -14.12 2.48 -6.20
CA ILE B 58 -13.68 2.15 -7.59
C ILE B 58 -12.19 1.88 -7.44
N VAL B 59 -11.71 0.87 -8.09
CA VAL B 59 -10.28 0.56 -8.00
C VAL B 59 -9.72 0.68 -9.45
N TYR B 60 -8.60 1.35 -9.58
CA TYR B 60 -7.96 1.49 -10.90
C TYR B 60 -6.51 0.89 -10.77
N LEU B 61 -6.16 0.25 -11.83
CA LEU B 61 -4.85 -0.39 -11.99
C LEU B 61 -4.30 0.32 -13.23
N GLY B 62 -3.01 0.37 -13.35
CA GLY B 62 -2.31 1.01 -14.49
C GLY B 62 -2.44 2.52 -14.52
N ARG B 63 -2.49 3.13 -13.38
CA ARG B 63 -2.64 4.61 -13.31
C ARG B 63 -1.42 5.37 -12.82
N SER B 64 -0.91 6.27 -13.63
CA SER B 64 0.28 7.06 -13.21
C SER B 64 -0.15 8.41 -12.60
N ARG B 65 -1.34 8.86 -12.94
CA ARG B 65 -1.85 10.17 -12.44
C ARG B 65 -3.14 9.97 -11.61
N LEU B 66 -3.30 10.87 -10.69
CA LEU B 66 -4.45 10.88 -9.77
C LEU B 66 -5.87 11.16 -10.31
N ASN B 67 -6.02 12.22 -11.05
CA ASN B 67 -7.36 12.56 -11.61
C ASN B 67 -7.44 12.64 -13.13
N SER B 68 -6.42 12.23 -13.84
CA SER B 68 -6.46 12.27 -15.33
C SER B 68 -6.27 10.82 -15.69
N ASN B 69 -6.66 10.45 -16.87
CA ASN B 69 -6.51 9.02 -17.26
C ASN B 69 -5.11 8.75 -17.81
N THR B 70 -4.73 7.51 -17.67
CA THR B 70 -3.42 7.01 -18.12
C THR B 70 -3.86 6.00 -19.12
N GLN B 71 -3.14 5.93 -20.20
CA GLN B 71 -3.51 4.95 -21.25
C GLN B 71 -3.15 3.57 -20.69
N GLY B 72 -4.06 2.66 -20.88
CA GLY B 72 -3.82 1.28 -20.39
C GLY B 72 -4.41 1.03 -19.01
N GLU B 73 -4.95 2.04 -18.37
CA GLU B 73 -5.54 1.79 -17.00
C GLU B 73 -6.77 0.89 -17.08
N MET B 74 -7.03 0.21 -16.00
CA MET B 74 -8.19 -0.72 -15.91
C MET B 74 -8.98 -0.24 -14.68
N LYS B 75 -10.27 -0.27 -14.77
CA LYS B 75 -11.21 0.17 -13.68
C LYS B 75 -11.99 -1.06 -13.18
N PHE B 76 -12.16 -1.19 -11.90
CA PHE B 76 -12.90 -2.35 -11.32
C PHE B 76 -13.78 -1.86 -10.22
N GLU B 77 -14.72 -2.69 -9.89
CA GLU B 77 -15.67 -2.39 -8.80
C GLU B 77 -15.14 -3.39 -7.75
N VAL B 78 -15.57 -3.21 -6.55
CA VAL B 78 -15.15 -4.09 -5.40
C VAL B 78 -16.27 -5.13 -5.18
N GLU B 79 -15.97 -6.35 -5.53
CA GLU B 79 -16.90 -7.50 -5.41
C GLU B 79 -16.94 -7.92 -3.93
N ASN B 80 -15.83 -7.90 -3.23
CA ASN B 80 -15.87 -8.29 -1.78
C ASN B 80 -14.90 -7.35 -1.11
N LEU B 81 -15.18 -6.97 0.10
CA LEU B 81 -14.32 -6.04 0.88
C LEU B 81 -14.19 -6.78 2.21
N ILE B 82 -12.99 -7.24 2.46
CA ILE B 82 -12.70 -7.98 3.71
C ILE B 82 -11.79 -7.15 4.58
N LEU B 83 -12.33 -6.75 5.69
CA LEU B 83 -11.58 -5.93 6.66
C LEU B 83 -11.18 -6.92 7.75
N HIS B 84 -10.22 -6.53 8.54
CA HIS B 84 -9.74 -7.42 9.60
C HIS B 84 -10.53 -7.37 10.89
N LYS B 85 -11.12 -8.48 11.22
CA LYS B 85 -11.90 -8.50 12.50
C LYS B 85 -10.73 -8.34 13.48
N ASP B 86 -10.84 -7.44 14.40
CA ASP B 86 -9.75 -7.20 15.42
C ASP B 86 -8.93 -6.00 14.98
N TYR B 87 -9.42 -5.26 14.02
CA TYR B 87 -8.65 -4.06 13.58
C TYR B 87 -8.91 -3.12 14.79
N SER B 88 -8.01 -2.28 15.21
CA SER B 88 -8.30 -1.37 16.37
C SER B 88 -7.42 -0.15 16.16
N ALA B 89 -7.85 1.00 16.53
CA ALA B 89 -7.04 2.24 16.35
C ALA B 89 -6.92 2.84 17.73
N ASP B 90 -5.84 3.50 18.00
CA ASP B 90 -5.64 4.14 19.35
C ASP B 90 -5.14 5.53 18.98
N THR B 91 -4.48 6.14 19.91
CA THR B 91 -3.92 7.46 19.73
C THR B 91 -2.62 7.14 18.96
N LEU B 92 -2.76 7.03 17.68
CA LEU B 92 -1.68 6.73 16.68
C LEU B 92 -1.78 5.43 15.93
N ALA B 93 -1.51 4.39 16.65
CA ALA B 93 -1.55 3.06 15.98
C ALA B 93 -2.88 2.45 15.64
N HIS B 94 -2.78 1.72 14.57
CA HIS B 94 -3.90 0.95 13.96
C HIS B 94 -3.31 -0.45 14.14
N HIS B 95 -4.11 -1.36 14.61
CA HIS B 95 -3.69 -2.78 14.84
C HIS B 95 -4.41 -3.55 13.78
N ASN B 96 -3.80 -4.60 13.32
CA ASN B 96 -4.33 -5.52 12.26
C ASN B 96 -4.87 -4.69 11.12
N ASP B 97 -4.06 -3.79 10.67
CA ASP B 97 -4.48 -2.89 9.56
C ASP B 97 -4.13 -3.42 8.17
N ILE B 98 -4.90 -4.40 7.79
CA ILE B 98 -4.75 -5.06 6.46
C ILE B 98 -6.20 -5.33 5.91
N ALA B 99 -6.44 -5.18 4.65
CA ALA B 99 -7.78 -5.42 4.08
C ALA B 99 -7.58 -6.01 2.72
N LEU B 100 -8.57 -6.73 2.26
CA LEU B 100 -8.54 -7.39 0.93
C LEU B 100 -9.77 -6.92 0.14
N LEU B 101 -9.55 -6.57 -1.09
CA LEU B 101 -10.64 -6.12 -1.99
C LEU B 101 -10.63 -7.10 -3.16
N LYS B 102 -11.74 -7.71 -3.43
CA LYS B 102 -11.79 -8.66 -4.56
C LYS B 102 -12.34 -7.70 -5.65
N ILE B 103 -11.71 -7.72 -6.80
CA ILE B 103 -12.12 -6.85 -7.91
C ILE B 103 -12.73 -7.60 -9.07
N ARG B 104 -13.59 -6.91 -9.78
CA ARG B 104 -14.29 -7.48 -10.97
C ARG B 104 -14.53 -6.29 -11.92
N SER B 105 -14.31 -6.45 -13.20
CA SER B 105 -14.53 -5.30 -14.12
C SER B 105 -16.00 -5.35 -14.56
N LYS B 106 -16.43 -4.38 -15.30
CA LYS B 106 -17.86 -4.37 -15.75
C LYS B 106 -18.09 -5.55 -16.67
N GLU B 107 -17.03 -6.10 -17.24
CA GLU B 107 -17.25 -7.26 -18.15
C GLU B 107 -17.21 -8.53 -17.33
N GLY B 108 -16.90 -8.43 -16.07
CA GLY B 108 -16.85 -9.63 -15.18
C GLY B 108 -15.51 -10.29 -15.13
N ARG B 109 -14.46 -9.55 -15.32
CA ARG B 109 -13.15 -10.25 -15.27
C ARG B 109 -12.30 -9.61 -14.21
N CYS B 110 -11.18 -10.23 -13.96
CA CYS B 110 -10.24 -9.73 -12.94
C CYS B 110 -9.15 -8.97 -13.73
N ALA B 111 -8.04 -8.62 -13.13
CA ALA B 111 -7.00 -7.88 -13.91
C ALA B 111 -6.27 -8.78 -14.89
N GLN B 112 -5.76 -8.15 -15.91
CA GLN B 112 -5.00 -8.91 -16.97
C GLN B 112 -3.58 -8.29 -16.95
N PRO B 113 -2.54 -9.04 -17.25
CA PRO B 113 -1.14 -8.52 -17.18
C PRO B 113 -0.81 -7.60 -18.36
N SER B 114 -0.06 -6.57 -18.12
CA SER B 114 0.30 -5.66 -19.22
C SER B 114 1.64 -5.05 -18.74
N ARG B 115 2.18 -4.15 -19.52
CA ARG B 115 3.46 -3.52 -19.10
C ARG B 115 3.17 -2.56 -17.95
N THR B 116 1.92 -2.30 -17.64
CA THR B 116 1.61 -1.37 -16.51
C THR B 116 0.84 -2.05 -15.39
N ILE B 117 0.55 -3.33 -15.55
CA ILE B 117 -0.21 -4.07 -14.50
C ILE B 117 0.51 -5.39 -14.25
N GLN B 118 0.98 -5.56 -13.01
CA GLN B 118 1.73 -6.81 -12.55
C GLN B 118 1.42 -7.11 -11.06
N THR B 119 1.56 -8.33 -10.62
CA THR B 119 1.28 -8.65 -9.19
C THR B 119 2.62 -8.43 -8.46
N ILE B 120 2.58 -8.38 -7.15
CA ILE B 120 3.84 -8.19 -6.38
C ILE B 120 3.83 -9.53 -5.60
N CYS B 121 4.99 -9.95 -5.17
CA CYS B 121 5.08 -11.21 -4.44
C CYS B 121 4.83 -11.04 -2.96
N LEU B 122 4.35 -12.09 -2.38
CA LEU B 122 4.06 -12.05 -0.92
C LEU B 122 5.28 -12.70 -0.28
N PRO B 123 5.56 -12.41 0.97
CA PRO B 123 6.65 -13.13 1.71
C PRO B 123 6.19 -14.54 2.13
N SER B 124 7.10 -15.31 2.65
CA SER B 124 6.76 -16.67 3.10
C SER B 124 6.49 -16.33 4.58
N MET B 125 5.79 -17.23 5.21
CA MET B 125 5.43 -17.06 6.65
C MET B 125 6.54 -16.49 7.50
N TYR B 126 6.18 -15.45 8.23
CA TYR B 126 7.10 -14.73 9.15
C TYR B 126 8.50 -14.46 8.61
N ASN B 127 8.65 -14.42 7.30
CA ASN B 127 10.00 -14.15 6.71
C ASN B 127 10.04 -12.68 6.28
N ASP B 128 11.00 -11.98 6.83
CA ASP B 128 11.21 -10.50 6.56
C ASP B 128 12.64 -10.25 6.12
N PRO B 129 12.93 -9.14 5.47
CA PRO B 129 14.33 -8.67 5.28
C PRO B 129 14.90 -8.25 6.64
N GLN B 130 16.21 -8.08 6.71
CA GLN B 130 16.84 -7.67 8.00
C GLN B 130 16.82 -6.16 8.04
N PHE B 131 16.81 -5.58 9.21
CA PHE B 131 16.79 -4.09 9.29
C PHE B 131 17.99 -3.60 8.47
N GLY B 132 17.88 -2.41 7.94
CA GLY B 132 19.00 -1.88 7.12
C GLY B 132 18.56 -1.99 5.68
N THR B 133 17.88 -3.05 5.32
CA THR B 133 17.43 -3.18 3.91
C THR B 133 16.72 -1.90 3.41
N SER B 134 17.00 -1.50 2.18
CA SER B 134 16.36 -0.28 1.60
C SER B 134 15.17 -0.87 0.85
N CYS B 135 14.03 -0.29 1.06
CA CYS B 135 12.79 -0.77 0.39
C CYS B 135 12.18 0.45 -0.20
N GLU B 136 11.22 0.28 -1.06
CA GLU B 136 10.62 1.51 -1.65
C GLU B 136 9.14 1.55 -1.35
N ILE B 137 8.66 2.74 -1.32
CA ILE B 137 7.24 2.98 -1.05
C ILE B 137 6.78 3.87 -2.23
N THR B 138 5.53 3.76 -2.54
CA THR B 138 4.93 4.54 -3.66
C THR B 138 3.55 5.07 -3.20
N GLY B 139 3.10 6.09 -3.87
CA GLY B 139 1.78 6.66 -3.52
C GLY B 139 1.54 8.07 -4.02
N PHE B 140 0.31 8.48 -3.79
CA PHE B 140 -0.23 9.84 -4.17
C PHE B 140 -0.45 10.70 -2.91
N GLY B 141 0.20 10.34 -1.86
CA GLY B 141 0.04 11.11 -0.59
C GLY B 141 0.69 12.47 -0.63
N LYS B 142 0.45 13.21 0.41
CA LYS B 142 1.03 14.57 0.51
C LYS B 142 2.53 14.63 0.34
N GLU B 143 2.96 15.76 -0.15
CA GLU B 143 4.39 16.04 -0.38
C GLU B 143 4.95 16.85 0.79
N ALA B 144 4.07 17.40 1.59
CA ALA B 144 4.44 18.21 2.77
C ALA B 144 3.25 18.08 3.72
N SER B 145 3.48 17.96 5.00
CA SER B 145 2.37 17.83 5.99
C SER B 145 1.37 19.01 5.94
N THR B 146 1.82 20.16 5.56
CA THR B 146 0.91 21.32 5.49
C THR B 146 0.10 21.38 4.22
N ASP B 147 0.32 20.49 3.32
CA ASP B 147 -0.47 20.54 2.06
C ASP B 147 -1.87 20.08 2.34
N TYR B 148 -2.77 20.52 1.52
CA TYR B 148 -4.19 20.10 1.71
C TYR B 148 -4.66 19.46 0.40
N LEU B 149 -3.75 19.32 -0.53
CA LEU B 149 -4.03 18.69 -1.85
C LEU B 149 -3.00 17.56 -2.01
N TYR B 150 -3.33 16.64 -2.85
CA TYR B 150 -2.44 15.47 -3.15
C TYR B 150 -1.82 15.75 -4.55
N PRO B 151 -0.62 15.27 -4.82
CA PRO B 151 -0.02 15.45 -6.15
C PRO B 151 -0.85 14.69 -7.17
N GLU B 152 -0.64 15.10 -8.39
CA GLU B 152 -1.36 14.49 -9.52
C GLU B 152 -0.49 13.39 -10.08
N GLN B 153 0.79 13.46 -9.83
CA GLN B 153 1.71 12.40 -10.38
C GLN B 153 2.16 11.48 -9.25
N LEU B 154 2.19 10.24 -9.58
CA LEU B 154 2.61 9.18 -8.62
C LEU B 154 4.07 9.43 -8.19
N LYS B 155 4.36 9.14 -6.95
CA LYS B 155 5.74 9.35 -6.44
C LYS B 155 6.19 8.07 -5.76
N MET B 156 7.47 8.03 -5.56
CA MET B 156 8.08 6.86 -4.91
C MET B 156 9.31 7.35 -4.16
N THR B 157 9.76 6.59 -3.21
CA THR B 157 10.99 7.00 -2.47
C THR B 157 11.55 5.69 -1.87
N VAL B 158 12.74 5.79 -1.38
CA VAL B 158 13.43 4.62 -0.78
C VAL B 158 13.62 4.94 0.69
N VAL B 159 13.34 3.96 1.48
CA VAL B 159 13.47 4.11 2.95
C VAL B 159 14.14 2.83 3.47
N LYS B 160 14.69 2.88 4.64
CA LYS B 160 15.35 1.66 5.19
C LYS B 160 14.57 1.07 6.38
N LEU B 161 14.59 -0.22 6.47
CA LEU B 161 13.87 -0.87 7.61
C LEU B 161 14.71 -0.63 8.90
N ILE B 162 14.09 -0.40 10.02
CA ILE B 162 14.88 -0.18 11.26
C ILE B 162 14.39 -1.34 12.18
N SER B 163 15.10 -1.63 13.22
CA SER B 163 14.70 -2.75 14.15
C SER B 163 13.57 -2.36 15.10
N HIS B 164 12.94 -3.33 15.72
CA HIS B 164 11.85 -3.01 16.66
C HIS B 164 12.52 -2.36 17.83
N ARG B 165 13.64 -2.87 18.24
CA ARG B 165 14.35 -2.26 19.40
C ARG B 165 14.51 -0.71 19.18
N GLU B 166 14.91 -0.31 18.01
CA GLU B 166 15.09 1.15 17.73
C GLU B 166 13.72 1.87 17.71
N CYS B 167 12.77 1.31 17.02
CA CYS B 167 11.42 1.95 16.93
C CYS B 167 10.66 2.00 18.27
N GLN B 168 10.88 1.02 19.09
CA GLN B 168 10.20 0.96 20.41
C GLN B 168 11.00 1.68 21.46
N GLN B 169 11.83 2.61 21.05
CA GLN B 169 12.59 3.32 22.09
C GLN B 169 11.57 4.37 22.53
N PRO B 170 11.49 4.68 23.79
CA PRO B 170 10.51 5.66 24.31
C PRO B 170 10.42 6.96 23.54
N HIS B 171 11.53 7.40 23.02
CA HIS B 171 11.47 8.70 22.27
C HIS B 171 11.10 8.58 20.81
N TYR B 172 10.71 7.40 20.44
CA TYR B 172 10.30 7.08 19.06
C TYR B 172 8.83 6.76 19.33
N TYR B 173 8.44 5.51 19.33
CA TYR B 173 7.01 5.15 19.60
C TYR B 173 6.74 4.28 20.83
N GLY B 174 7.77 3.88 21.52
CA GLY B 174 7.52 3.04 22.72
C GLY B 174 6.82 1.76 22.29
N SER B 175 5.96 1.29 23.15
CA SER B 175 5.19 0.05 22.88
C SER B 175 4.01 0.19 21.90
N GLU B 176 3.86 1.34 21.32
CA GLU B 176 2.74 1.54 20.34
C GLU B 176 2.97 0.61 19.15
N VAL B 177 4.24 0.34 18.93
CA VAL B 177 4.66 -0.55 17.81
C VAL B 177 4.74 -1.97 18.35
N THR B 178 4.12 -2.86 17.63
CA THR B 178 4.10 -4.28 18.01
C THR B 178 4.94 -5.09 17.01
N THR B 179 4.95 -6.38 17.24
CA THR B 179 5.70 -7.31 16.36
C THR B 179 4.94 -7.50 15.05
N LYS B 180 3.70 -7.07 15.03
CA LYS B 180 2.89 -7.20 13.79
C LYS B 180 3.05 -5.91 12.95
N MET B 181 3.99 -5.08 13.33
CA MET B 181 4.24 -3.81 12.59
C MET B 181 5.75 -3.80 12.26
N LEU B 182 6.13 -2.94 11.35
CA LEU B 182 7.51 -2.73 10.88
C LEU B 182 7.69 -1.22 10.79
N CYS B 183 8.87 -0.77 11.06
CA CYS B 183 9.15 0.68 11.00
C CYS B 183 10.17 0.87 9.89
N ALA B 184 10.05 1.96 9.21
CA ALA B 184 11.01 2.24 8.10
C ALA B 184 11.22 3.75 8.12
N ALA B 185 12.45 4.17 7.92
CA ALA B 185 12.76 5.62 7.92
C ALA B 185 13.98 5.90 7.03
N ASP B 186 14.20 7.16 6.84
CA ASP B 186 15.33 7.61 6.02
C ASP B 186 16.34 7.92 7.11
N PRO B 187 17.56 7.48 6.93
CA PRO B 187 18.68 7.84 7.85
C PRO B 187 18.74 9.30 8.28
N GLN B 188 18.40 10.14 7.35
CA GLN B 188 18.43 11.60 7.62
C GLN B 188 17.05 12.19 7.81
N TRP B 189 16.07 11.36 8.03
CA TRP B 189 14.65 11.81 8.22
C TRP B 189 14.26 12.84 7.15
N LYS B 190 14.64 12.57 5.93
CA LYS B 190 14.32 13.50 4.79
C LYS B 190 13.16 13.08 3.88
N THR B 191 12.91 11.81 3.75
CA THR B 191 11.79 11.35 2.89
C THR B 191 10.95 10.44 3.80
N ASP B 192 9.72 10.19 3.44
CA ASP B 192 8.82 9.32 4.28
C ASP B 192 7.46 9.23 3.57
N SER B 193 6.60 8.43 4.15
CA SER B 193 5.23 8.26 3.60
C SER B 193 4.48 9.36 4.41
N CYS B 194 3.30 9.68 3.97
CA CYS B 194 2.50 10.72 4.65
C CYS B 194 1.00 10.44 4.34
N GLN B 195 0.18 11.32 4.82
CA GLN B 195 -1.28 11.22 4.63
C GLN B 195 -1.57 11.08 3.15
N GLY B 196 -2.41 10.15 2.83
CA GLY B 196 -2.75 9.92 1.41
C GLY B 196 -1.97 8.67 0.95
N ASP B 197 -0.93 8.33 1.66
CA ASP B 197 -0.14 7.14 1.24
C ASP B 197 -0.66 5.81 1.86
N SER B 198 -1.51 5.90 2.85
CA SER B 198 -2.08 4.68 3.52
C SER B 198 -2.48 3.54 2.59
N GLY B 199 -2.22 2.33 2.97
CA GLY B 199 -2.61 1.17 2.12
C GLY B 199 -1.67 0.79 1.01
N GLY B 200 -0.76 1.67 0.70
CA GLY B 200 0.17 1.33 -0.41
C GLY B 200 1.26 0.40 0.08
N PRO B 201 2.10 0.00 -0.84
CA PRO B 201 3.16 -1.00 -0.55
C PRO B 201 4.54 -0.49 -0.13
N LEU B 202 5.17 -1.34 0.64
CA LEU B 202 6.55 -1.15 1.19
C LEU B 202 7.10 -2.42 0.44
N VAL B 203 7.93 -2.24 -0.57
CA VAL B 203 8.52 -3.36 -1.38
C VAL B 203 10.02 -3.48 -1.12
N CYS B 204 10.41 -4.68 -0.83
CA CYS B 204 11.84 -5.02 -0.53
C CYS B 204 12.23 -6.28 -1.29
N SER B 205 13.49 -6.49 -1.50
CA SER B 205 13.87 -7.71 -2.23
C SER B 205 13.98 -8.72 -1.11
N LEU B 206 13.39 -9.86 -1.26
CA LEU B 206 13.46 -10.89 -0.21
C LEU B 206 13.71 -12.14 -1.03
N GLN B 207 14.70 -12.90 -0.66
CA GLN B 207 15.01 -14.16 -1.40
C GLN B 207 14.98 -13.97 -2.91
N GLY B 208 15.48 -12.85 -3.37
CA GLY B 208 15.50 -12.63 -4.85
C GLY B 208 14.20 -12.11 -5.47
N ARG B 209 13.16 -11.92 -4.72
CA ARG B 209 11.88 -11.41 -5.34
C ARG B 209 11.59 -10.05 -4.74
N MET B 210 10.84 -9.26 -5.45
CA MET B 210 10.46 -7.93 -4.96
C MET B 210 9.19 -8.41 -4.26
N THR B 211 9.22 -8.27 -2.98
CA THR B 211 8.14 -8.68 -2.07
C THR B 211 7.42 -7.52 -1.36
N LEU B 212 6.16 -7.78 -1.12
CA LEU B 212 5.28 -6.79 -0.42
C LEU B 212 5.65 -7.11 1.04
N THR B 213 6.49 -6.30 1.59
CA THR B 213 6.93 -6.49 2.99
C THR B 213 6.01 -5.72 3.94
N GLY B 214 5.54 -4.57 3.56
CA GLY B 214 4.64 -3.81 4.46
C GLY B 214 3.55 -3.03 3.69
N ILE B 215 2.60 -2.57 4.46
CA ILE B 215 1.42 -1.79 3.96
C ILE B 215 1.54 -0.50 4.74
N VAL B 216 1.53 0.61 4.05
CA VAL B 216 1.63 1.94 4.72
C VAL B 216 0.44 2.04 5.72
N SER B 217 0.75 2.20 6.98
CA SER B 217 -0.32 2.30 8.03
C SER B 217 -0.40 3.64 8.80
N TRP B 218 0.57 4.00 9.60
CA TRP B 218 0.46 5.28 10.36
C TRP B 218 1.82 5.92 10.64
N GLY B 219 1.84 6.97 11.37
CA GLY B 219 3.13 7.63 11.71
C GLY B 219 2.80 8.96 12.35
N ARG B 220 3.71 9.49 13.12
CA ARG B 220 3.45 10.80 13.78
C ARG B 220 4.14 11.80 12.88
N GLY B 221 3.34 12.65 12.29
CA GLY B 221 3.89 13.68 11.37
C GLY B 221 4.39 12.95 10.12
N CYS B 222 5.15 13.63 9.32
CA CYS B 222 5.70 13.01 8.09
C CYS B 222 7.13 13.52 8.03
N ALA B 223 8.02 12.59 7.84
CA ALA B 223 9.51 12.85 7.74
C ALA B 223 9.98 13.62 8.98
N LEU B 224 9.59 13.14 10.12
CA LEU B 224 10.00 13.81 11.38
C LEU B 224 11.11 12.95 12.00
N LYS B 225 11.96 13.62 12.71
CA LYS B 225 13.08 12.90 13.37
C LYS B 225 12.52 12.02 14.49
N ASP B 226 13.04 10.83 14.52
CA ASP B 226 12.64 9.81 15.52
C ASP B 226 11.18 9.38 15.40
N LYS B 227 10.55 9.69 14.31
CA LYS B 227 9.12 9.30 14.13
C LYS B 227 9.13 8.59 12.78
N PRO B 228 9.51 7.33 12.80
CA PRO B 228 9.55 6.49 11.57
C PRO B 228 8.11 6.28 11.01
N GLY B 229 7.97 5.72 9.85
CA GLY B 229 6.61 5.51 9.32
C GLY B 229 6.39 4.09 9.81
N VAL B 230 5.16 3.71 10.06
CA VAL B 230 4.89 2.34 10.55
C VAL B 230 4.04 1.63 9.49
N TYR B 231 4.39 0.38 9.26
CA TYR B 231 3.72 -0.47 8.26
C TYR B 231 3.19 -1.76 8.87
N THR B 232 2.14 -2.30 8.30
CA THR B 232 1.57 -3.59 8.80
C THR B 232 2.61 -4.58 8.25
N ARG B 233 3.01 -5.51 9.09
CA ARG B 233 4.02 -6.54 8.73
C ARG B 233 3.31 -7.70 8.05
N VAL B 234 3.25 -7.60 6.76
CA VAL B 234 2.58 -8.65 5.93
C VAL B 234 2.97 -10.14 6.23
N SER B 235 4.23 -10.37 6.55
CA SER B 235 4.72 -11.76 6.85
C SER B 235 3.97 -12.41 8.01
N HIS B 236 3.41 -11.56 8.84
CA HIS B 236 2.65 -12.06 10.01
C HIS B 236 1.15 -12.24 9.74
N PHE B 237 0.70 -11.95 8.54
CA PHE B 237 -0.77 -12.14 8.25
C PHE B 237 -1.00 -13.15 7.15
N LEU B 238 0.03 -13.82 6.74
CA LEU B 238 -0.14 -14.84 5.66
C LEU B 238 -1.27 -15.84 5.86
N PRO B 239 -1.49 -16.38 7.03
CA PRO B 239 -2.65 -17.29 7.18
C PRO B 239 -3.93 -16.50 6.93
N TRP B 240 -4.07 -15.35 7.52
CA TRP B 240 -5.28 -14.52 7.30
C TRP B 240 -5.48 -14.36 5.81
N ILE B 241 -4.45 -13.86 5.16
CA ILE B 241 -4.52 -13.66 3.69
C ILE B 241 -4.99 -14.94 3.02
N ARG B 242 -4.30 -16.02 3.25
CA ARG B 242 -4.71 -17.31 2.62
C ARG B 242 -6.16 -17.71 3.00
N SER B 243 -6.53 -17.51 4.21
CA SER B 243 -7.91 -17.87 4.61
C SER B 243 -8.90 -17.28 3.63
N HIS B 244 -8.56 -16.14 3.07
CA HIS B 244 -9.51 -15.50 2.12
C HIS B 244 -9.04 -15.47 0.67
N THR B 245 -7.81 -15.70 0.40
CA THR B 245 -7.29 -15.67 -0.99
C THR B 245 -6.62 -17.02 -1.32
C1 CIT C . -13.49 5.87 -16.28
O1 CIT C . -14.41 5.59 -15.55
O2 CIT C . -12.30 5.80 -15.97
C2 CIT C . -13.79 6.33 -17.74
C3 CIT C . -15.28 6.85 -18.14
O7 CIT C . -16.12 5.70 -18.09
C4 CIT C . -15.23 7.36 -19.62
C5 CIT C . -16.62 7.56 -20.28
O3 CIT C . -17.29 8.51 -19.90
O4 CIT C . -16.97 6.77 -21.15
C6 CIT C . -15.98 7.87 -17.20
O5 CIT C . -15.40 8.89 -16.91
O6 CIT C . -17.10 7.54 -16.82
H21 CIT C . -13.10 7.11 -18.00
H22 CIT C . -13.56 5.50 -18.39
HO7 CIT C . -16.37 5.79 -17.16
H41 CIT C . -14.71 8.30 -19.65
H42 CIT C . -14.67 6.66 -20.21
C1 CIT D . -17.99 2.64 -17.80
O1 CIT D . -17.24 1.84 -17.25
O2 CIT D . -17.96 2.90 -18.98
C2 CIT D . -19.06 3.34 -16.91
C3 CIT D . -18.96 4.96 -16.86
O7 CIT D . -17.61 5.28 -16.59
C4 CIT D . -19.86 5.51 -15.65
C5 CIT D . -19.39 5.19 -14.18
O3 CIT D . -18.53 5.92 -13.68
O4 CIT D . -19.90 4.25 -13.59
C6 CIT D . -19.33 5.69 -18.20
O5 CIT D . -20.45 5.52 -18.62
O6 CIT D . -18.46 6.40 -18.74
H21 CIT D . -20.04 3.00 -17.23
H22 CIT D . -18.92 2.98 -15.91
HO7 CIT D . -17.33 4.37 -16.45
H41 CIT D . -20.00 6.58 -15.74
H42 CIT D . -20.84 5.05 -15.77
C1 133 E . 1.52 8.47 7.60
C2 133 E . 1.20 7.44 6.65
F2 133 E . 2.15 6.67 6.12
C3 133 E . -0.12 7.15 6.23
C4 133 E . -1.06 7.96 6.75
C5 133 E . -0.80 8.95 7.65
C6 133 E . 0.45 9.26 8.08
C7 133 E . 2.82 8.74 8.03
N1 133 E . 3.04 9.86 8.68
N2 133 E . 3.81 7.91 7.84
N3 133 E . -2.34 7.97 6.58
N4 133 E . -1.87 9.61 8.03
C8 133 E . -2.76 8.93 7.33
C1' 133 E . -4.10 9.27 7.39
C2' 133 E . -4.52 10.40 8.08
C3' 133 E . -5.83 10.75 8.15
C4' 133 E . -6.79 9.92 7.56
C5' 133 E . -6.41 8.78 6.85
C6' 133 E . -5.08 8.44 6.80
O6' 133 E . -4.72 7.30 6.10
O5' 133 E . -7.33 7.93 6.25
C10 133 E . -8.48 8.62 5.74
C20 133 E . -9.46 7.62 5.14
C30 133 E . -9.10 7.30 3.69
C40 133 E . -9.50 6.36 5.99
HC3 133 E . -0.35 6.36 5.53
HC6 133 E . 0.60 10.06 8.77
HH11 133 E . 3.96 10.10 9.01
HH12 133 E . 2.31 10.53 8.85
HH21 133 E . 3.71 7.02 7.38
HN3 133 E . -2.91 7.40 6.01
HC'2 133 E . -3.79 11.06 8.55
HC'3 133 E . -6.14 11.65 8.69
HC'4 133 E . -7.82 10.21 7.63
H101 133 E . -9.00 9.10 6.56
H102 133 E . -8.17 9.36 5.02
H20 133 E . -10.44 8.06 5.15
H301 133 E . -9.95 6.85 3.20
H302 133 E . -8.85 8.21 3.16
H303 133 E . -8.26 6.63 3.65
H401 133 E . -8.55 5.85 5.95
H402 133 E . -9.72 6.61 7.02
H403 133 E . -10.28 5.70 5.63
HH22 133 E . 4.74 8.14 8.15
#